data_1UTS
#
_entry.id   1UTS
#
_cell.length_a   1.000
_cell.length_b   1.000
_cell.length_c   1.000
_cell.angle_alpha   90.00
_cell.angle_beta   90.00
_cell.angle_gamma   90.00
#
_symmetry.space_group_name_H-M   'P 1'
#
loop_
_entity.id
_entity.type
_entity.pdbx_description
1 polymer "RNA (5'-(*GP*GP*CP*AP*GP*AP*UP*CP*UP*GP*AP*GP *CP*CP*UP*GP*GP*GP*AP*GP*CP*UP*CP*UP*CP*UP*GP*CP*C) -3')"
2 non-polymer N-[2-(3-AMINOPROPOXY)-5-(1H-INDOL-5-YL)BENZYL]-N-(2-PIPERAZIN-1-YLETHYL)AMINE
#
_entity_poly.entity_id   1
_entity_poly.type   'polyribonucleotide'
_entity_poly.pdbx_seq_one_letter_code
;GGCAGAUCUGAGCCUGGGAGCUCUCUGCC
;
_entity_poly.pdbx_strand_id   B
#
loop_
_chem_comp.id
_chem_comp.type
_chem_comp.name
_chem_comp.formula
A RNA linking ADENOSINE-5'-MONOPHOSPHATE 'C10 H14 N5 O7 P'
C RNA linking CYTIDINE-5'-MONOPHOSPHATE 'C9 H14 N3 O8 P'
G RNA linking GUANOSINE-5'-MONOPHOSPHATE 'C10 H14 N5 O8 P'
P13 non-polymer N-[2-(3-AMINOPROPOXY)-5-(1H-INDOL-5-YL)BENZYL]-N-(2-PIPERAZIN-1-YLETHYL)AMINE 'C24 H33 N5 O'
U RNA linking URIDINE-5'-MONOPHOSPHATE 'C9 H13 N2 O9 P'
#
# COMPACT_ATOMS: atom_id res chain seq x y z
C1 P13 B . 1.08 -0.57 3.34
C2 P13 B . 1.87 0.42 2.72
C3 P13 B . 1.93 0.48 1.30
C4 P13 B . 1.18 -0.44 0.51
C5 P13 B . 0.40 -1.44 1.15
C6 P13 B . 0.34 -1.51 2.57
N P13 B . -2.83 -5.01 -1.78
CB P13 B . -2.35 -3.67 -1.38
CA P13 B . -2.47 -3.52 0.15
C P13 B . -1.74 -2.25 0.58
O P13 B . -0.34 -2.40 0.37
CA1 P13 B . 1.25 -0.36 -1.03
NB P13 B . 0.00 -0.86 -1.63
CG P13 B . -0.04 -0.50 -3.08
CD P13 B . -0.70 0.87 -3.24
NE P13 B . -2.07 0.70 -3.79
CH1 P13 B . -1.98 0.31 -5.23
CI1 P13 B . -3.40 0.14 -5.79
NJ P13 B . -4.16 1.41 -5.63
CI2 P13 B . -4.25 1.78 -4.20
CH2 P13 B . -2.84 1.97 -3.63
N1 P13 B . 4.58 4.11 5.97
C21 P13 B . 3.44 4.70 6.56
C31 P13 B . 2.25 4.13 6.05
C41 P13 B . 1.92 2.25 4.34
C51 P13 B . 2.60 1.33 3.49
C61 P13 B . 4.02 1.33 3.45
C71 P13 B . 4.76 2.24 4.24
C81 P13 B . 4.07 3.15 5.10
C91 P13 B . 2.66 3.16 5.15
H1 P13 B . 1.04 -0.61 4.41
H3 P13 B . 2.52 1.23 0.81
H6 P13 B . -0.25 -2.26 3.06
HN1A P13 B . -2.82 -5.09 -2.81
HN2 P13 B . -2.21 -5.73 -1.38
HB1 P13 B . -2.96 -2.92 -1.86
HB2 P13 B . -1.32 -3.55 -1.67
HA1 P13 B . -3.51 -3.46 0.41
HA2 P13 B . -2.02 -4.37 0.62
HC1 P13 B . -1.93 -2.08 1.64
HC2 P13 B . -2.11 -1.41 0.02
HA11 P13 B . 2.09 -0.95 -1.38
HA12 P13 B . 1.41 0.67 -1.32
HB11 P13 B . -0.80 -0.45 -1.15
HG1 P13 B . -0.61 -1.24 -3.61
HG2 P13 B . 0.97 -0.46 -3.47
HD1 P13 B . -0.12 1.47 -3.92
HD2 P13 B . -0.75 1.37 -2.28
HH11 P13 B . -1.47 1.09 -5.77
HH12 P13 B . -1.43 -0.61 -5.31
HI11 P13 B . -3.91 -0.65 -5.26
HI12 P13 B . -3.34 -0.12 -6.84
HJ1 P13 B . -5.11 1.28 -6.01
HI21 P13 B . -4.79 2.72 -4.11
HI22 P13 B . -4.76 1.01 -3.65
HH21 P13 B . -2.90 2.23 -2.58
HH22 P13 B . -2.33 2.76 -4.16
HN1 P13 B . 5.53 4.34 6.14
H2 P13 B . 3.50 5.49 7.30
H31 P13 B . 1.25 4.38 6.32
H4 P13 B . 0.84 2.26 4.37
H61 P13 B . 4.53 0.63 2.81
H7 P13 B . 5.83 2.24 4.22
HN3 P13 B . -3.79 -5.15 -1.44
HB12 P13 B . -0.03 -1.89 -1.54
HE P13 B . -2.54 -0.05 -3.26
HJ2 P13 B . -3.68 2.15 -6.16
C1 P13 B . 0.73 -0.25 3.49
C2 P13 B . 1.75 0.58 2.95
C3 P13 B . 1.85 0.74 1.54
C4 P13 B . 0.92 0.12 0.68
C5 P13 B . -0.10 -0.73 1.22
C6 P13 B . -0.18 -0.91 2.63
N P13 B . -2.27 -4.12 -2.83
CB P13 B . -1.86 -3.01 -1.94
CA P13 B . -1.80 -3.50 -0.49
C P13 B . -0.70 -2.77 0.26
O P13 B . -1.02 -1.38 0.35
CA1 P13 B . 1.02 0.34 -0.84
NB P13 B . -0.33 0.32 -1.44
CG P13 B . -0.35 1.14 -2.68
CD P13 B . 0.01 0.27 -3.89
NE P13 B . -1.23 -0.30 -4.48
CH1 P13 B . -0.88 -1.49 -5.30
CI1 P13 B . -2.16 -2.07 -5.92
NJ P13 B . -2.82 -1.04 -6.76
CI2 P13 B . -3.16 0.16 -5.94
CH2 P13 B . -1.88 0.74 -5.32
N1 P13 B . 5.14 3.27 6.52
C21 P13 B . 4.13 3.82 7.34
C31 P13 B . 2.84 3.44 6.89
C41 P13 B . 2.15 1.98 4.90
C51 P13 B . 2.64 1.23 3.80
C61 P13 B . 4.04 1.14 3.58
C71 P13 B . 4.95 1.80 4.45
C81 P13 B . 4.45 2.56 5.56
C91 P13 B . 3.06 2.65 5.78
H1 P13 B . 0.65 -0.38 4.55
H3 P13 B . 2.63 1.37 1.12
H6 P13 B . -0.96 -1.53 3.04
HN1A P13 B . -3.23 -4.41 -2.58
HN2 P13 B . -2.26 -3.79 -3.80
HB1 P13 B . -2.57 -2.20 -2.01
HB2 P13 B . -0.88 -2.65 -2.23
HA1 P13 B . -2.75 -3.33 -0.01
HA2 P13 B . -1.59 -4.56 -0.49
HC1 P13 B . 0.24 -2.88 -0.27
HC2 P13 B . -0.60 -3.18 1.25
HA11 P13 B . 1.62 -0.45 -1.28
HA12 P13 B . 1.49 1.29 -1.03
HB11 P13 B . -1.01 0.72 -0.77
HG1 P13 B . 0.37 1.95 -2.61
HG2 P13 B . -1.34 1.56 -2.83
HD1 P13 B . 0.65 -0.54 -3.56
HD2 P13 B . 0.52 0.86 -4.63
HH11 P13 B . -0.21 -1.20 -6.09
HH12 P13 B . -0.41 -2.23 -4.67
HI11 P13 B . -2.83 -2.37 -5.12
HI12 P13 B . -1.91 -2.93 -6.52
HJ1 P13 B . -3.69 -1.42 -7.16
HI21 P13 B . -3.62 0.91 -6.57
HI22 P13 B . -3.85 -0.12 -5.15
HH21 P13 B . -2.13 1.60 -4.71
HH22 P13 B . -1.21 1.05 -6.11
HN1 P13 B . 6.11 3.39 6.62
H2 P13 B . 4.33 4.45 8.20
H31 P13 B . 1.89 3.70 7.33
H4 P13 B . 1.08 2.06 5.07
H61 P13 B . 4.42 0.56 2.75
H7 P13 B . 6.01 1.73 4.29
HN3 P13 B . -1.62 -4.91 -2.72
HB12 P13 B . -0.61 -0.65 -1.67
HE P13 B . -1.86 -0.57 -3.72
HJ2 P13 B . -2.19 -0.76 -7.52
C1 P13 B . 1.07 -0.46 3.69
C2 P13 B . 2.09 0.35 3.12
C3 P13 B . 2.26 0.39 1.71
C4 P13 B . 1.39 -0.35 0.87
C5 P13 B . 0.38 -1.17 1.44
C6 P13 B . 0.22 -1.22 2.85
N P13 B . -5.09 -1.69 0.14
CB P13 B . -3.89 -1.71 -0.72
CA P13 B . -2.76 -2.47 0.00
C P13 B . -1.83 -1.47 0.69
O P13 B . -0.48 -1.95 0.59
CA1 P13 B . 1.58 -0.28 -0.65
NB P13 B . 0.26 -0.38 -1.32
CG P13 B . 0.40 0.04 -2.74
CD P13 B . -0.93 -0.20 -3.47
NE P13 B . -0.67 -0.37 -4.92
CH1 P13 B . -1.93 -0.14 -5.67
CI1 P13 B . -1.66 -0.32 -7.18
NJ P13 B . -1.15 -1.71 -7.42
CI2 P13 B . 0.11 -1.93 -6.67
CH2 P13 B . -0.16 -1.75 -5.16
N1 P13 B . 5.28 3.46 6.56
C21 P13 B . 4.21 4.08 7.27
C31 P13 B . 2.96 3.63 6.79
C41 P13 B . 2.38 1.97 4.93
C51 P13 B . 2.94 1.10 3.95
C61 P13 B . 4.34 1.00 3.82
C71 P13 B . 5.20 1.76 4.66
C81 P13 B . 4.64 2.63 5.64
C91 P13 B . 3.24 2.73 5.78
H1 P13 B . 0.95 -0.50 4.77
H3 P13 B . 3.04 1.00 1.28
H6 P13 B . -0.55 -1.84 3.28
HN1A P13 B . -5.81 -1.09 -0.29
HN2 P13 B . -5.45 -2.65 0.24
HB1 P13 B . -3.56 -0.69 -0.91
HB2 P13 B . -4.11 -2.20 -1.64
HA1 P13 B . -3.19 -3.14 0.73
HA2 P13 B . -2.21 -3.04 -0.73
HC1 P13 B . -2.10 -1.39 1.74
HC2 P13 B . -1.91 -0.51 0.22
HA11 P13 B . 2.21 -1.08 -0.97
HA12 P13 B . 2.04 0.67 -0.91
HB11 P13 B . -0.41 0.24 -0.84
HG1 P13 B . 1.18 -0.53 -3.20
HG2 P13 B . 0.64 1.09 -2.78
HD1 P13 B . -1.58 0.65 -3.32
HD2 P13 B . -1.39 -1.09 -3.08
HH11 P13 B . -2.68 -0.85 -5.35
HH12 P13 B . -2.27 0.86 -5.49
HI11 P13 B . -0.93 0.39 -7.51
HI12 P13 B . -2.58 -0.18 -7.73
HJ1 P13 B . -0.97 -1.83 -8.43
HI21 P13 B . 0.46 -2.94 -6.85
HI22 P13 B . 0.86 -1.23 -6.99
HH21 P13 B . 0.77 -1.89 -4.62
HH22 P13 B . -0.89 -2.47 -4.83
HN1 P13 B . 6.23 3.59 6.69
H2 P13 B . 4.38 4.79 8.07
H31 P13 B . 1.99 3.93 7.14
H4 P13 B . 1.31 2.04 5.04
H61 P13 B . 4.77 0.34 3.07
H7 P13 B . 6.27 1.68 4.55
HN3 P13 B . -4.84 -1.32 1.07
HB12 P13 B . -0.06 -1.35 -1.29
HE P13 B . 0.05 0.32 -5.22
HJ2 P13 B . -1.85 -2.39 -7.13
C1 P13 B . 1.07 0.72 3.09
C2 P13 B . 2.22 1.45 2.72
C3 P13 B . 2.53 1.66 1.34
C4 P13 B . 1.66 1.16 0.34
C5 P13 B . 0.50 0.42 0.71
C6 P13 B . 0.21 0.20 2.09
N P13 B . -2.11 -4.11 -0.22
CB P13 B . -2.39 -2.68 -0.48
CA P13 B . -1.25 -2.09 -1.33
C P13 B . -0.18 -1.50 -0.41
O P13 B . -0.37 -0.09 -0.29
CA1 P13 B . 1.98 1.42 -1.14
NB P13 B . 0.74 1.55 -1.93
CG P13 B . 1.07 1.69 -3.36
CD P13 B . -0.20 1.51 -4.20
NE P13 B . -0.33 0.08 -4.58
CH1 P13 B . 0.55 -0.20 -5.75
CI1 P13 B . 0.41 -1.68 -6.16
NJ P13 B . -1.01 -1.96 -6.50
CI2 P13 B . -1.89 -1.69 -5.32
CH2 P13 B . -1.75 -0.21 -4.92
N1 P13 B . 5.42 3.61 6.81
C21 P13 B . 4.38 4.23 7.54
C31 P13 B . 3.12 4.01 6.91
C41 P13 B . 2.54 2.73 4.77
C51 P13 B . 3.07 1.96 3.71
C61 P13 B . 4.48 1.71 3.65
C71 P13 B . 5.33 2.24 4.66
C81 P13 B . 4.78 3.01 5.73
C91 P13 B . 3.39 3.25 5.79
H1 P13 B . 0.85 0.54 4.13
H3 P13 B . 3.41 2.21 1.07
H6 P13 B . -0.67 -0.35 2.36
HN1A P13 B . -1.32 -4.20 0.44
HN2 P13 B . -2.95 -4.56 0.19
HB1 P13 B . -2.44 -2.15 0.46
HB2 P13 B . -3.33 -2.59 -1.01
HA1 P13 B . -0.82 -2.87 -1.94
HA2 P13 B . -1.65 -1.32 -1.97
HC1 P13 B . 0.80 -1.69 -0.85
HC2 P13 B . -0.24 -1.96 0.56
HA11 P13 B . 2.58 0.61 -1.52
HA12 P13 B . 2.55 2.34 -1.23
HB11 P13 B . 0.21 2.37 -1.61
HG1 P13 B . 1.80 0.95 -3.64
HG2 P13 B . 1.47 2.68 -3.53
HD1 P13 B . -0.14 2.11 -5.09
HD2 P13 B . -1.06 1.80 -3.62
HH11 P13 B . 0.26 0.43 -6.58
HH12 P13 B . 1.58 0.00 -5.49
HI11 P13 B . 0.72 -2.31 -5.34
HI12 P13 B . 1.03 -1.88 -7.02
HJ1 P13 B . -1.11 -2.96 -6.76
HI21 P13 B . -2.92 -1.89 -5.59
HI22 P13 B . -1.60 -2.32 -4.50
HH21 P13 B . -2.37 -0.02 -4.05
HH22 P13 B . -2.07 0.42 -5.73
HN1 P13 B . 6.38 3.61 7.02
H2 P13 B . 4.53 4.79 8.44
H31 P13 B . 2.17 4.37 7.25
H4 P13 B . 1.47 2.92 4.83
H61 P13 B . 4.88 1.13 2.85
H7 P13 B . 6.39 2.06 4.62
HN3 P13 B . -1.87 -4.59 -1.10
HB12 P13 B . 0.16 0.70 -1.80
HE P13 B . -0.04 -0.51 -3.79
HJ2 P13 B . -1.30 -1.38 -7.29
C1 P13 B . 1.08 0.41 4.19
C2 P13 B . 2.07 1.22 3.58
C3 P13 B . 2.13 1.31 2.17
C4 P13 B . 1.20 0.62 1.36
C5 P13 B . 0.21 -0.20 1.98
C6 P13 B . 0.15 -0.30 3.39
N P13 B . -4.15 -2.09 -1.30
CB P13 B . -2.98 -1.38 -0.74
CA P13 B . -3.08 -1.38 0.79
C P13 B . -2.04 -0.40 1.37
O P13 B . -0.73 -0.94 1.17
CA1 P13 B . 1.27 0.75 -0.17
NB P13 B . -0.07 0.57 -0.77
CG P13 B . 0.03 0.79 -2.24
CD P13 B . 0.01 2.29 -2.53
NE P13 B . -0.86 2.56 -3.70
CH1 P13 B . -0.58 3.93 -4.22
CI1 P13 B . -1.49 4.21 -5.43
NJ P13 B . -2.91 4.09 -5.02
CI2 P13 B . -3.20 2.72 -4.50
CH2 P13 B . -2.29 2.43 -3.29
N1 P13 B . 5.58 4.08 6.92
C21 P13 B . 4.60 4.85 7.58
C31 P13 B . 3.30 4.54 7.10
C41 P13 B . 2.54 2.87 5.32
C51 P13 B . 3.00 1.91 4.38
C61 P13 B . 4.38 1.63 4.26
C71 P13 B . 5.32 2.33 5.08
C81 P13 B . 4.86 3.30 6.02
C91 P13 B . 3.48 3.58 6.14
H1 P13 B . 1.02 0.34 5.27
H3 P13 B . 2.89 1.93 1.70
H6 P13 B . -0.60 -0.92 3.86
HN1A P13 B . -4.33 -2.94 -0.76
HN2 P13 B . -4.98 -1.48 -1.27
HB1 P13 B . -2.97 -0.36 -1.10
HB2 P13 B . -2.07 -1.89 -1.05
HA1 P13 B . -4.07 -1.07 1.09
HA2 P13 B . -2.88 -2.37 1.16
HC1 P13 B . -2.23 -0.27 2.42
HC2 P13 B . -2.14 0.55 0.86
HA11 P13 B . 1.94 0.00 -0.56
HA12 P13 B . 1.65 1.73 -0.43
HB11 P13 B . -0.72 1.26 -0.37
HG1 P13 B . -0.82 0.32 -2.73
HG2 P13 B . 0.95 0.36 -2.61
HD1 P13 B . 1.01 2.62 -2.75
HD2 P13 B . -0.37 2.83 -1.67
HH11 P13 B . -0.78 4.65 -3.44
HH12 P13 B . 0.45 4.00 -4.52
HI11 P13 B . -1.27 3.50 -6.21
HI12 P13 B . -1.30 5.21 -5.79
HJ1 P13 B . -3.52 4.27 -5.84
HI21 P13 B . -4.23 2.65 -4.21
HI22 P13 B . -3.00 2.00 -5.28
HH21 P13 B . -2.47 1.44 -2.93
HH22 P13 B . -2.50 3.14 -2.51
HN1 P13 B . 6.55 4.10 7.05
H2 P13 B . 4.84 5.57 8.35
H31 P13 B . 2.38 4.97 7.44
H4 P13 B . 1.48 3.09 5.41
H61 P13 B . 4.73 0.90 3.56
H7 P13 B . 6.38 2.12 5.00
HN3 P13 B . -3.96 -2.34 -2.29
HB12 P13 B . -0.41 -0.38 -0.59
HE P13 B . -0.66 1.87 -4.44
HJ2 P13 B . -3.12 4.78 -4.28
C1 P13 B . 1.41 0.38 3.93
C2 P13 B . 2.38 1.19 3.28
C3 P13 B . 2.38 1.29 1.86
C4 P13 B . 1.39 0.61 1.10
C5 P13 B . 0.43 -0.20 1.75
C6 P13 B . 0.44 -0.32 3.16
N P13 B . -2.72 -3.06 0.60
CB P13 B . -3.51 -2.26 1.57
CA P13 B . -2.59 -1.26 2.27
C P13 B . -1.88 -0.40 1.23
O P13 B . -0.55 -0.92 0.99
CA1 P13 B . 1.38 0.76 -0.44
NB P13 B . 0.01 0.66 -0.96
CG P13 B . -0.03 1.12 -2.37
CD P13 B . -1.20 0.46 -3.10
NE P13 B . -1.67 1.36 -4.18
CH1 P13 B . -2.52 2.44 -3.59
CI1 P13 B . -3.03 3.36 -4.71
NJ P13 B . -3.80 2.57 -5.70
CI2 P13 B . -2.95 1.50 -6.29
CH2 P13 B . -2.44 0.57 -5.17
N1 P13 B . 5.99 4.01 6.53
C21 P13 B . 5.04 4.81 7.20
C31 P13 B . 3.74 4.54 6.72
C41 P13 B . 2.91 2.88 4.95
C51 P13 B . 3.33 1.87 4.05
C61 P13 B . 4.71 1.56 3.93
C71 P13 B . 5.67 2.24 4.72
C81 P13 B . 5.24 3.25 5.65
C91 P13 B . 3.87 3.56 5.76
H1 P13 B . 1.42 0.29 5.00
H3 P13 B . 3.11 1.90 1.36
H6 P13 B . -0.30 -0.94 3.66
HN1A P13 B . -2.52 -2.48 -0.23
HN2 P13 B . -1.84 -3.36 1.04
HB1 P13 B . -3.95 -2.93 2.31
HB2 P13 B . -4.28 -1.73 1.05
HA1 P13 B . -3.17 -0.63 2.92
HA2 P13 B . -1.85 -1.80 2.85
HC1 P13 B . -1.81 0.62 1.58
HC2 P13 B . -2.43 -0.41 0.31
HA11 P13 B . 2.00 -0.02 -0.87
HA12 P13 B . 1.80 1.72 -0.71
HB11 P13 B . -0.62 1.24 -0.39
HG1 P13 B . 0.90 0.85 -2.86
HG2 P13 B . -0.15 2.19 -2.39
HD1 P13 B . -2.00 0.27 -2.41
HD2 P13 B . -0.86 -0.47 -3.54
HH11 P13 B . -3.36 1.98 -3.09
HH12 P13 B . -1.94 3.00 -2.88
HI11 P13 B . -2.18 3.83 -5.20
HI12 P13 B . -3.66 4.12 -4.27
HJ1 P13 B . -4.13 3.20 -6.45
HI21 P13 B . -3.53 0.93 -7.00
HI22 P13 B . -2.11 1.95 -6.79
HH21 P13 B . -1.81 -0.20 -5.61
HH22 P13 B . -3.29 0.10 -4.69
HN1 P13 B . 6.97 4.00 6.66
H2 P13 B . 5.29 5.52 7.97
H31 P13 B . 2.81 5.01 7.05
H4 P13 B . 1.86 3.12 5.05
H61 P13 B . 5.03 0.79 3.24
H7 P13 B . 6.72 2.00 4.64
HN3 P13 B . -3.26 -3.90 0.32
HB12 P13 B . -0.30 -0.33 -0.91
HE P13 B . -0.85 1.79 -4.65
HJ2 P13 B . -4.61 2.14 -5.23
C1 P13 B . 0.95 -0.97 3.73
C2 P13 B . 1.85 0.00 3.21
C3 P13 B . 1.92 0.22 1.81
C4 P13 B . 1.06 -0.49 0.94
C5 P13 B . 0.16 -1.46 1.45
C6 P13 B . 0.11 -1.70 2.85
N P13 B . -5.20 -2.75 0.99
CB P13 B . -3.94 -3.52 0.89
CA P13 B . -2.96 -2.79 -0.02
C P13 B . -2.06 -1.87 0.81
O P13 B . -0.69 -2.19 0.56
CA1 P13 B . 1.13 -0.21 -0.58
NB P13 B . -0.21 -0.36 -1.18
CG P13 B . -0.22 0.22 -2.54
CD P13 B . -1.60 0.04 -3.17
NE P13 B . -2.30 1.34 -3.20
CH1 P13 B . -2.78 1.69 -1.84
CI1 P13 B . -3.52 3.04 -1.87
NJ P13 B . -4.66 2.96 -2.82
CI2 P13 B . -4.18 2.62 -4.18
CH2 P13 B . -3.45 1.26 -4.15
N1 P13 B . 4.96 3.00 6.81
C21 P13 B . 3.89 3.56 7.55
C31 P13 B . 2.65 3.11 7.05
C41 P13 B . 2.10 1.53 5.11
C51 P13 B . 2.68 0.72 4.09
C61 P13 B . 4.09 0.65 3.95
C71 P13 B . 4.92 1.39 4.83
C81 P13 B . 4.34 2.20 5.85
C91 P13 B . 2.94 2.27 6.00
H1 P13 B . 0.91 -1.14 4.79
H3 P13 B . 2.62 0.93 1.41
H6 P13 B . -0.58 -2.44 3.25
HN1A P13 B . -5.01 -1.84 1.40
HN2 P13 B . -5.61 -2.64 0.05
HB1 P13 B . -4.15 -4.50 0.48
HB2 P13 B . -3.50 -3.63 1.88
HA1 P13 B . -2.35 -3.50 -0.56
HA2 P13 B . -3.52 -2.19 -0.74
HC1 P13 B . -2.27 -2.00 1.86
HC2 P13 B . -2.24 -0.84 0.53
HA11 P13 B . 1.81 -0.90 -1.04
HA12 P13 B . 1.48 0.80 -0.74
HB11 P13 B . -0.91 0.13 -0.59
HG1 P13 B . 0.52 -0.28 -3.15
HG2 P13 B . 0.02 1.28 -2.48
HD1 P13 B . -2.18 -0.66 -2.58
HD2 P13 B . -1.49 -0.33 -4.17
HH11 P13 B . -3.45 0.92 -1.48
HH12 P13 B . -1.93 1.75 -1.17
HI11 P13 B . -2.83 3.81 -2.19
HI12 P13 B . -3.88 3.27 -0.88
HJ1 P13 B . -5.14 3.87 -2.84
HI21 P13 B . -5.03 2.55 -4.86
HI22 P13 B . -3.51 3.38 -4.53
HH21 P13 B . -3.09 1.03 -5.14
HH22 P13 B . -4.13 0.50 -3.82
HN1 P13 B . 5.92 3.13 6.96
H2 P13 B . 4.03 4.24 8.38
H31 P13 B . 1.66 3.37 7.41
H4 P13 B . 1.03 1.58 5.22
H61 P13 B . 4.53 0.05 3.18
H7 P13 B . 6.00 1.34 4.73
HN3 P13 B . -5.87 -3.26 1.58
HB12 P13 B . -0.45 -1.36 -1.23
HE P13 B . -1.64 2.08 -3.52
HJ2 P13 B . -5.32 2.24 -2.49
C1 P13 B . 1.09 -0.48 2.41
C2 P13 B . 1.97 0.52 1.92
C3 P13 B . 2.10 0.72 0.53
C4 P13 B . 1.28 -0.01 -0.38
C5 P13 B . 0.38 -0.99 0.11
C6 P13 B . 0.30 -1.23 1.52
N P13 B . -2.91 -5.34 0.48
CB P13 B . -1.75 -4.99 -0.37
CA P13 B . -0.96 -3.85 0.29
C P13 B . -0.10 -3.14 -0.77
O P13 B . -0.44 -1.75 -0.80
CA1 P13 B . 1.39 0.27 -1.90
NB P13 B . 0.08 0.06 -2.54
CG P13 B . 0.06 0.77 -3.84
CD P13 B . -1.03 0.18 -4.74
NE P13 B . -2.25 1.00 -4.65
CH1 P13 B . -3.41 0.22 -5.14
CI1 P13 B . -4.69 1.08 -5.06
NJ P13 B . -4.50 2.32 -5.87
CI2 P13 B . -3.34 3.10 -5.37
CH2 P13 B . -2.07 2.24 -5.46
N1 P13 B . 4.78 3.66 5.66
C21 P13 B . 3.64 4.27 6.25
C31 P13 B . 2.45 3.84 5.62
C41 P13 B . 2.08 2.17 3.73
C51 P13 B . 2.73 1.28 2.83
C61 P13 B . 4.15 1.17 2.85
C71 P13 B . 4.90 1.94 3.78
C81 P13 B . 4.24 2.82 4.68
C91 P13 B . 2.84 2.93 4.66
H1 P13 B . 1.02 -0.65 3.47
H3 P13 B . 2.78 1.46 0.15
H6 P13 B . -0.39 -1.98 1.89
HN1A P13 B . -2.60 -5.94 1.25
HN2 P13 B . -3.32 -4.48 0.85
HB1 P13 B . -2.09 -4.68 -1.35
HB2 P13 B . -1.10 -5.86 -0.47
HA1 P13 B . -1.66 -3.14 0.71
HA2 P13 B . -0.32 -4.24 1.06
HC1 P13 B . -0.29 -3.57 -1.74
HC2 P13 B . 0.95 -3.26 -0.52
HA11 P13 B . 2.13 -0.39 -2.32
HA12 P13 B . 1.71 1.29 -2.04
HB11 P13 B . -0.67 0.42 -1.94
HG1 P13 B . 1.01 0.66 -4.33
HG2 P13 B . -0.15 1.82 -3.67
HD1 P13 B . -1.25 -0.83 -4.41
HD2 P13 B . -0.68 0.15 -5.76
HH11 P13 B . -3.25 -0.07 -6.17
HH12 P13 B . -3.54 -0.67 -4.54
HI11 P13 B . -4.87 1.34 -4.03
HI12 P13 B . -5.52 0.52 -5.44
HJ1 P13 B . -5.36 2.90 -5.81
HI21 P13 B . -3.22 3.99 -5.98
HI22 P13 B . -3.51 3.39 -4.35
HH21 P13 B . -1.23 2.80 -5.08
HH22 P13 B . -1.89 1.97 -6.49
HN1 P13 B . 5.71 3.77 5.90
H2 P13 B . 3.71 4.98 7.05
H31 P13 B . 1.45 4.14 5.86
H4 P13 B . 1.00 2.25 3.70
H61 P13 B . 4.65 0.50 2.17
H7 P13 B . 5.98 1.86 3.80
HN3 P13 B . -3.61 -5.84 -0.09
HB12 P13 B . -0.07 -0.95 -2.71
HE P13 B . -2.41 1.27 -3.66
HJ2 P13 B . -4.35 2.06 -6.86
C1 P13 B . 1.44 0.48 3.25
C2 P13 B . 2.61 1.12 2.79
C3 P13 B . 2.89 1.19 1.39
C4 P13 B . 1.97 0.63 0.46
C5 P13 B . 0.79 -0.01 0.93
C6 P13 B . 0.52 -0.08 2.33
N P13 B . -4.54 -0.15 -1.93
CB P13 B . -3.15 0.30 -1.72
CA P13 B . -2.45 -0.64 -0.73
C P13 B . -1.40 0.12 0.07
O P13 B . -0.15 -0.58 0.01
CA1 P13 B . 2.28 0.73 -1.05
NB P13 B . 1.02 0.73 -1.83
CG P13 B . 1.33 0.63 -3.28
CD P13 B . 0.03 0.69 -4.09
NE P13 B . -0.25 -0.60 -4.78
CH1 P13 B . -0.36 -1.71 -3.80
CI1 P13 B . -0.69 -3.01 -4.54
NJ P13 B . 0.38 -3.31 -5.53
CI2 P13 B . 0.49 -2.19 -6.52
CH2 P13 B . 0.82 -0.89 -5.78
N1 P13 B . 6.00 3.50 6.60
C21 P13 B . 5.03 4.31 7.21
C31 P13 B . 3.77 4.15 6.59
C41 P13 B . 3.05 2.65 4.65
C51 P13 B . 3.50 1.69 3.71
C61 P13 B . 4.88 1.29 3.71
C71 P13 B . 5.77 1.86 4.66
C81 P13 B . 5.31 2.82 5.60
C91 P13 B . 3.96 3.22 5.60
H1 P13 B . 1.24 0.43 4.32
H3 P13 B . 3.78 1.68 1.04
H6 P13 B . -0.37 -0.57 2.68
HN1A P13 B . -4.96 0.41 -2.69
HN2 P13 B . -4.55 -1.14 -2.20
HB1 P13 B . -3.15 1.30 -1.32
HB2 P13 B . -2.61 0.29 -2.65
HA1 P13 B . -3.20 -1.05 -0.05
HA2 P13 B . -1.98 -1.44 -1.27
HC1 P13 B . -1.72 0.19 1.10
HC2 P13 B . -1.28 1.11 -0.34
HA11 P13 B . 2.88 -0.12 -1.34
HA12 P13 B . 2.82 1.63 -1.25
HB11 P13 B . 0.51 1.60 -1.65
HG1 P13 B . 1.83 -0.31 -3.47
HG2 P13 B . 1.98 1.45 -3.56
HD1 P13 B . 0.11 1.48 -4.83
HD2 P13 B . -0.78 0.92 -3.42
HH11 P13 B . 0.57 -1.82 -3.27
HH12 P13 B . -1.15 -1.48 -3.10
HI11 P13 B . -1.64 -2.91 -5.05
HI12 P13 B . -0.75 -3.83 -3.82
HJ1 P13 B . 0.15 -4.18 -6.02
HI21 P13 B . 1.27 -2.42 -7.23
HI22 P13 B . -0.45 -2.08 -7.04
HH21 P13 B . 0.88 -0.07 -6.50
HH22 P13 B . 1.77 -0.99 -5.28
HN1 P13 B . 6.95 3.42 6.83
H2 P13 B . 5.24 4.97 8.04
H31 P13 B . 2.85 4.65 6.85
H4 P13 B . 2.01 2.95 4.65
H61 P13 B . 5.23 0.56 3.00
H7 P13 B . 6.81 1.56 4.66
HN3 P13 B . -5.08 -0.02 -1.07
HB12 P13 B . 0.44 -0.07 -1.56
HE P13 B . -1.15 -0.51 -5.28
HJ2 P13 B . 1.28 -3.41 -5.04
C1 P13 B . 0.61 -0.51 4.27
C2 P13 B . 1.36 0.46 3.56
C3 P13 B . 1.26 0.56 2.15
C4 P13 B . 0.40 -0.32 1.44
C5 P13 B . -0.36 -1.30 2.15
C6 P13 B . -0.24 -1.39 3.56
N P13 B . -1.96 -4.85 0.64
CB P13 B . -3.06 -4.40 1.53
CA P13 B . -3.49 -2.99 1.13
C P13 B . -2.58 -1.97 1.82
O P13 B . -1.22 -2.20 1.44
CA1 P13 B . 0.28 -0.19 -0.10
NB P13 B . -1.08 -0.56 -0.54
CG P13 B . -1.31 -0.10 -1.93
CD P13 B . -1.80 1.35 -1.91
NE P13 B . -3.28 1.45 -2.14
CH1 P13 B . -4.01 0.65 -1.11
CI1 P13 B . -5.53 0.79 -1.33
NJ P13 B . -5.87 0.32 -2.71
CI2 P13 B . -5.14 1.12 -3.74
CH2 P13 B . -3.62 0.97 -3.50
N1 P13 B . 4.57 4.02 6.52
C21 P13 B . 3.51 4.67 7.21
C31 P13 B . 2.26 4.15 6.82
C41 P13 B . 1.67 2.28 5.16
C51 P13 B . 2.21 1.33 4.27
C61 P13 B . 3.62 1.25 4.08
C71 P13 B . 4.48 2.13 4.80
C81 P13 B . 3.92 3.09 5.71
C91 P13 B . 2.53 3.16 5.89
H1 P13 B . 0.69 -0.58 5.34
H3 P13 B . 1.84 1.30 1.60
H6 P13 B . -0.80 -2.14 4.10
HN1A P13 B . -2.35 -5.06 -0.30
HN2 P13 B . -1.24 -4.12 0.58
HB1 P13 B . -2.71 -4.39 2.55
HB2 P13 B . -3.90 -5.07 1.45
HA1 P13 B . -3.41 -2.88 0.06
HA2 P13 B . -4.51 -2.83 1.43
HC1 P13 B . -2.68 -2.06 2.88
HC2 P13 B . -2.88 -0.97 1.52
HA11 P13 B . 1.00 -0.85 -0.56
HA12 P13 B . 0.48 0.82 -0.39
HB11 P13 B . -1.77 -0.13 0.09
HG1 P13 B . -2.05 -0.73 -2.40
HG2 P13 B . -0.38 -0.16 -2.48
HD1 P13 B . -1.29 1.91 -2.69
HD2 P13 B . -1.56 1.80 -0.95
HH11 P13 B . -3.73 -0.39 -1.19
HH12 P13 B . -3.76 1.01 -0.12
HI11 P13 B . -5.80 1.83 -1.23
HI12 P13 B . -6.06 0.19 -0.61
HJ1 P13 B . -6.88 0.43 -2.86
HI21 P13 B . -5.39 0.77 -4.72
HI22 P13 B . -5.41 2.16 -3.64
HH21 P13 B . -3.08 1.56 -4.23
HH22 P13 B . -3.34 -0.07 -3.62
HN1 P13 B . 5.52 4.19 6.59
H2 P13 B . 3.67 5.46 7.92
H31 P13 B . 1.29 4.46 7.18
H4 P13 B . 0.59 2.34 5.31
H61 P13 B . 4.04 0.53 3.40
H7 P13 B . 5.54 2.07 4.66
HN3 P13 B . -1.54 -5.71 1.02
HB12 P13 B . -1.18 -1.59 -0.50
HE P13 B . -3.56 2.43 -2.05
HJ2 P13 B . -5.62 -0.67 -2.80
C1 P13 B . 0.40 -0.81 2.04
C2 P13 B . 1.53 -0.05 1.67
C3 P13 B . 1.87 0.10 0.30
C4 P13 B . 1.06 -0.52 -0.70
C5 P13 B . -0.08 -1.28 -0.33
C6 P13 B . -0.41 -1.43 1.04
N P13 B . -4.08 -4.04 -3.04
CB P13 B . -2.82 -3.41 -2.56
CA P13 B . -3.00 -1.89 -2.50
C P13 B . -2.19 -1.32 -1.34
O P13 B . -0.89 -1.91 -1.32
CA1 P13 B . 1.44 -0.34 -2.19
NB P13 B . 0.22 -0.36 -3.03
CG P13 B . 0.61 -0.20 -4.46
CD P13 B . 1.29 -1.48 -4.96
NE P13 B . 1.31 -1.48 -6.44
CH1 P13 B . -0.03 -1.91 -6.95
CI1 P13 B . -0.01 -1.93 -8.48
NJ P13 B . 1.06 -2.85 -8.96
CI2 P13 B . 2.39 -2.42 -8.45
CH2 P13 B . 2.37 -2.41 -6.91
N1 P13 B . 4.49 2.47 5.73
C21 P13 B . 3.40 3.06 6.41
C31 P13 B . 2.19 2.75 5.76
C41 P13 B . 1.71 1.34 3.67
C51 P13 B . 2.31 0.56 2.66
C61 P13 B . 3.73 0.40 2.64
C71 P13 B . 4.53 1.01 3.64
C81 P13 B . 3.91 1.79 4.66
C91 P13 B . 2.51 1.96 4.68
H1 P13 B . 0.14 -0.92 3.09
H3 P13 B . 2.74 0.66 0.01
H6 P13 B . -1.27 -2.01 1.34
HN1A P13 B . -4.56 -3.40 -3.68
HN2 P13 B . -3.84 -4.92 -3.54
HB1 P13 B . -2.01 -3.65 -3.24
HB2 P13 B . -2.58 -3.78 -1.58
HA1 P13 B . -2.66 -1.45 -3.43
HA2 P13 B . -4.05 -1.66 -2.37
HC1 P13 B . -2.69 -1.55 -0.41
HC2 P13 B . -2.10 -0.25 -1.45
HA11 P13 B . 2.10 -1.15 -2.48
HA12 P13 B . 1.95 0.60 -2.32
HB11 P13 B . -0.40 0.40 -2.75
HG1 P13 B . 1.30 0.63 -4.55
HG2 P13 B . -0.27 0.00 -5.04
HD1 P13 B . 0.74 -2.34 -4.61
HD2 P13 B . 2.30 -1.51 -4.58
HH11 P13 B . -0.25 -2.90 -6.58
HH12 P13 B . -0.78 -1.22 -6.61
HI11 P13 B . 0.20 -0.93 -8.85
HI12 P13 B . -0.97 -2.25 -8.85
HJ1 P13 B . 1.07 -2.86 -9.99
HI21 P13 B . 3.15 -3.12 -8.80
HI22 P13 B . 2.61 -1.44 -8.83
HH21 P13 B . 3.33 -2.07 -6.55
HH22 P13 B . 2.17 -3.40 -6.54
HN1 P13 B . 5.45 2.53 5.96
H2 P13 B . 3.52 3.67 7.29
H31 P13 B . 1.20 3.07 6.06
H4 P13 B . 0.64 1.47 3.69
H61 P13 B . 4.20 -0.20 1.86
H7 P13 B . 5.60 0.88 3.62
HN3 P13 B . -4.68 -4.25 -2.24
HB12 P13 B . -0.26 -1.27 -2.91
HE P13 B . 1.51 -0.53 -6.78
HJ2 P13 B . 0.86 -3.80 -8.62
C1 P13 B . 1.25 -0.23 4.03
C2 P13 B . 2.19 0.56 3.33
C3 P13 B . 2.18 0.57 1.91
C4 P13 B . 1.23 -0.20 1.18
C5 P13 B . 0.28 -0.98 1.90
C6 P13 B . 0.29 -1.00 3.32
N P13 B . -3.89 -4.54 2.02
CB P13 B . -2.54 -4.05 2.35
CA P13 B . -1.71 -3.96 1.07
C P13 B . -0.42 -3.16 1.36
O P13 B . -0.71 -1.76 1.19
CA1 P13 B . 1.23 -0.17 -0.36
NB P13 B . -0.11 -0.46 -0.91
CG P13 B . 0.01 -0.78 -2.35
CD P13 B . -1.33 -0.54 -3.06
NE P13 B . -1.85 -1.82 -3.56
CH1 P13 B . -1.10 -2.21 -4.80
CI1 P13 B . -1.65 -3.54 -5.33
NJ P13 B . -3.10 -3.39 -5.64
CI2 P13 B . -3.85 -3.01 -4.41
CH2 P13 B . -3.30 -1.67 -3.87
N1 P13 B . 5.78 3.68 6.34
C21 P13 B . 4.81 4.52 6.94
C31 P13 B . 3.51 4.20 6.48
C41 P13 B . 2.71 2.39 4.87
C51 P13 B . 3.13 1.31 4.05
C61 P13 B . 4.52 0.99 3.95
C71 P13 B . 5.46 1.75 4.69
C81 P13 B . 5.03 2.83 5.53
C91 P13 B . 3.66 3.13 5.62
H1 P13 B . 1.27 -0.25 5.10
H3 P13 B . 2.91 1.17 1.37
H6 P13 B . -0.43 -1.59 3.86
HN1A P13 B . -4.34 -4.91 2.88
HN2 P13 B . -4.46 -3.75 1.65
HB1 P13 B . -2.06 -4.73 3.05
HB2 P13 B . -2.61 -3.07 2.80
HA1 P13 B . -1.44 -4.96 0.75
HA2 P13 B . -2.28 -3.46 0.31
HC1 P13 B . 0.34 -3.46 0.65
HC2 P13 B . -0.10 -3.35 2.36
HA11 P13 B . 1.93 -0.91 -0.72
HA12 P13 B . 1.54 0.81 -0.70
HB11 P13 B . -0.72 0.37 -0.79
HG1 P13 B . 0.30 -1.82 -2.47
HG2 P13 B . 0.77 -0.15 -2.80
HD1 P13 B . -1.17 0.14 -3.88
HD2 P13 B . -2.02 -0.11 -2.35
HH11 P13 B . -1.21 -1.44 -5.54
HH12 P13 B . -0.05 -2.33 -4.55
HI11 P13 B . -1.52 -4.31 -4.60
HI12 P13 B . -1.12 -3.80 -6.24
HJ1 P13 B . -3.47 -4.28 -6.00
HI21 P13 B . -4.90 -2.89 -4.64
HI22 P13 B . -3.73 -3.78 -3.67
HH21 P13 B . -3.83 -1.41 -2.96
HH22 P13 B . -3.43 -0.90 -4.61
HN1 P13 B . 6.75 3.69 6.47
H2 P13 B . 5.07 5.29 7.65
H31 P13 B . 2.59 4.68 6.78
H4 P13 B . 1.65 2.63 4.94
H61 P13 B . 4.85 0.18 3.34
H7 P13 B . 6.52 1.51 4.62
HN3 P13 B . -3.83 -5.28 1.31
HB12 P13 B . -0.52 -1.25 -0.42
HE P13 B . -1.72 -2.55 -2.85
HJ2 P13 B . -3.22 -2.66 -6.35
C1 P13 B . 1.23 0.11 4.21
C2 P13 B . 2.14 1.00 3.55
C3 P13 B . 2.12 1.11 2.14
C4 P13 B . 1.17 0.37 1.37
C5 P13 B . 0.28 -0.52 2.03
C6 P13 B . 0.31 -0.64 3.44
N P13 B . -3.84 -3.69 0.60
CB P13 B . -2.69 -3.20 1.41
CA P13 B . -1.39 -3.52 0.69
C P13 B . -0.25 -2.67 1.27
O P13 B . -0.67 -1.30 1.28
CA1 P13 B . 1.14 0.52 -0.16
NB P13 B . -0.21 0.25 -0.69
CG P13 B . -0.15 0.17 -2.17
CD P13 B . -1.56 -0.04 -2.73
NE P13 B . -1.82 -1.49 -2.87
CH1 P13 B . -1.12 -1.99 -4.09
CI1 P13 B . -1.43 -3.50 -4.31
NJ P13 B . -2.33 -4.00 -3.23
CI2 P13 B . -3.59 -3.21 -3.20
CH2 P13 B . -3.30 -1.71 -2.98
N1 P13 B . 5.56 4.06 6.80
C21 P13 B . 4.56 4.74 7.51
C31 P13 B . 3.27 4.37 7.05
C41 P13 B . 2.56 2.69 5.27
C51 P13 B . 3.04 1.74 4.33
C61 P13 B . 4.44 1.55 4.17
C71 P13 B . 5.36 2.30 4.96
C81 P13 B . 4.86 3.23 5.92
C91 P13 B . 3.48 3.43 6.07
H1 P13 B . 1.25 0.02 5.28
H3 P13 B . 2.81 1.78 1.64
H6 P13 B . -0.38 -1.32 3.95
HN1A P13 B . -3.75 -3.34 -0.35
HN2 P13 B . -3.84 -4.72 0.60
HB1 P13 B . -2.70 -3.69 2.38
HB2 P13 B . -2.78 -2.13 1.55
HA1 P13 B . -1.14 -4.57 0.83
HA2 P13 B . -1.49 -3.32 -0.36
HC1 P13 B . 0.63 -2.77 0.66
HC2 P13 B . -0.04 -2.98 2.27
HA11 P13 B . 1.84 -0.18 -0.60
HA12 P13 B . 1.43 1.53 -0.42
HB11 P13 B . -0.84 1.01 -0.41
HG1 P13 B . 0.48 -0.66 -2.45
HG2 P13 B . 0.26 1.09 -2.57
HD1 P13 B . -1.64 0.44 -3.69
HD2 P13 B . -2.28 0.39 -2.06
HH11 P13 B . -1.45 -1.43 -4.95
HH12 P13 B . -0.06 -1.86 -3.98
HI11 P13 B . -0.51 -4.05 -4.30
HI12 P13 B . -1.91 -3.63 -5.27
HJ1 P13 B . -1.85 -3.92 -2.33
HI21 P13 B . -4.12 -3.33 -4.14
HI22 P13 B . -4.21 -3.57 -2.40
HH21 P13 B . -3.78 -1.38 -2.08
HH22 P13 B . -3.68 -1.14 -3.82
HN1 P13 B . 6.53 4.12 6.91
H2 P13 B . 4.77 5.46 8.29
H31 P13 B . 2.32 4.75 7.41
H4 P13 B . 1.49 2.83 5.38
H61 P13 B . 4.81 0.83 3.45
H7 P13 B . 6.42 2.15 4.85
HN3 P13 B . -4.72 -3.35 1.02
HB12 P13 B . -0.56 -0.65 -0.31
HE P13 B . -1.46 -1.99 -2.05
HJ2 P13 B . -2.55 -4.99 -3.42
C1 P13 B . 1.39 -0.24 4.54
C2 P13 B . 2.08 0.78 3.83
C3 P13 B . 2.01 0.83 2.41
C4 P13 B . 1.24 -0.12 1.70
C5 P13 B . 0.55 -1.15 2.41
C6 P13 B . 0.64 -1.21 3.83
N P13 B . -2.89 -4.87 2.35
CB P13 B . -2.08 -4.30 1.25
CA P13 B . -2.45 -2.82 1.06
C P13 B . -1.61 -1.96 2.01
O P13 B . -0.22 -2.12 1.70
CA1 P13 B . 1.16 -0.04 0.16
NB P13 B . -0.16 -0.52 -0.31
CG P13 B . -0.42 0.00 -1.67
CD P13 B . -0.77 1.49 -1.59
NE P13 B . -2.22 1.66 -1.83
CH1 P13 B . -2.50 3.10 -2.11
CI1 P13 B . -4.01 3.30 -2.35
NJ P13 B . -4.76 2.85 -1.13
CI2 P13 B . -4.49 1.42 -0.85
CH2 P13 B . -2.98 1.22 -0.62
N1 P13 B . 4.88 4.64 6.81
C21 P13 B . 3.79 5.05 7.62
C31 P13 B . 2.61 4.33 7.29
C41 P13 B . 2.21 2.51 5.55
C51 P13 B . 2.83 1.74 4.54
C61 P13 B . 4.20 1.92 4.24
C71 P13 B . 4.96 2.88 4.96
C81 P13 B . 4.33 3.66 5.99
C91 P13 B . 2.97 3.47 6.27
H1 P13 B . 1.45 -0.28 5.61
H3 P13 B . 2.55 1.60 1.87
H6 P13 B . 0.12 -1.99 4.36
HN1A P13 B . -2.81 -5.90 2.33
HN2 P13 B . -2.56 -4.51 3.24
HB1 P13 B . -2.28 -4.83 0.33
HB2 P13 B . -1.04 -4.38 1.49
HA1 P13 B . -2.25 -2.52 0.04
HA2 P13 B . -3.50 -2.69 1.28
HC1 P13 B . -1.79 -2.27 3.03
HC2 P13 B . -1.88 -0.93 1.89
HA11 P13 B . 1.93 -0.65 -0.27
HA12 P13 B . 1.29 0.99 -0.15
HB11 P13 B . -0.90 -0.18 0.34
HG1 P13 B . -1.25 -0.55 -2.11
HG2 P13 B . 0.46 -0.14 -2.28
HD1 P13 B . -0.22 2.02 -2.34
HD2 P13 B . -0.52 1.87 -0.62
HH11 P13 B . -2.18 3.71 -1.27
HH12 P13 B . -1.96 3.40 -3.00
HI11 P13 B . -4.33 2.71 -3.19
HI12 P13 B . -4.21 4.34 -2.53
HJ1 P13 B . -5.76 2.99 -1.29
HI21 P13 B . -5.02 1.12 0.04
HI22 P13 B . -4.81 0.82 -1.69
HH21 P13 B . -2.78 0.16 -0.45
HH22 P13 B . -2.66 1.79 0.24
HN1 P13 B . 5.80 4.97 6.83
H2 P13 B . 3.87 5.81 8.38
H31 P13 B . 1.65 4.44 7.76
H4 P13 B . 1.16 2.36 5.77
H61 P13 B . 4.68 1.33 3.47
H7 P13 B . 6.01 3.03 4.74
HN3 P13 B . -3.89 -4.61 2.21
HB12 P13 B . -0.17 -1.55 -0.31
HE P13 B . -2.51 1.09 -2.64
HJ2 P13 B . -4.46 3.42 -0.32
C1 P13 B . 1.59 -0.83 3.77
C2 P13 B . 2.39 0.09 3.05
C3 P13 B . 2.38 0.12 1.64
C4 P13 B . 1.55 -0.78 0.91
C5 P13 B . 0.73 -1.71 1.63
C6 P13 B . 0.76 -1.73 3.06
N P13 B . -3.89 -2.34 -0.92
CB P13 B . -3.78 -2.97 0.42
CA P13 B . -2.35 -3.49 0.63
C P13 B . -1.49 -2.38 1.22
O P13 B . -0.12 -2.63 0.92
CA1 P13 B . 1.56 -0.75 -0.62
NB P13 B . 0.23 -1.14 -1.15
CG P13 B . 0.31 -1.27 -2.64
CD P13 B . -1.02 -0.85 -3.27
NE P13 B . -1.31 -1.71 -4.44
CH1 P13 B . -2.15 -0.96 -5.42
CI1 P13 B . -2.45 -1.87 -6.63
NJ P13 B . -3.15 -3.09 -6.17
CI2 P13 B . -2.31 -3.84 -5.20
CH2 P13 B . -2.01 -2.95 -3.99
N1 P13 B . 5.48 3.74 6.02
C21 P13 B . 4.41 4.46 6.59
C31 P13 B . 3.17 3.94 6.15
C41 P13 B . 2.63 2.00 4.57
C51 P13 B . 3.22 0.98 3.76
C61 P13 B . 4.63 0.87 3.68
C71 P13 B . 5.46 1.77 4.41
C81 P13 B . 4.87 2.78 5.22
C91 P13 B . 3.47 2.90 5.30
H1 P13 B . 1.62 -0.85 4.83
H3 P13 B . 2.99 0.82 1.11
H6 P13 B . 0.14 -2.44 3.59
HN1A P13 B . -3.93 -3.08 -1.64
HN2 P13 B . -4.75 -1.78 -0.96
HB1 P13 B . -4.48 -3.80 0.49
HB2 P13 B . -4.01 -2.24 1.18
HA1 P13 B . -2.37 -4.33 1.30
HA2 P13 B . -1.95 -3.80 -0.33
HC1 P13 B . -1.62 -2.36 2.29
HC2 P13 B . -1.79 -1.43 0.81
HA11 P13 B . 2.31 -1.43 -0.99
HA12 P13 B . 1.79 0.25 -0.95
HB11 P13 B . -0.46 -0.42 -0.90
HG1 P13 B . 0.52 -2.30 -2.90
HG2 P13 B . 1.10 -0.64 -3.02
HD1 P13 B . -0.96 0.18 -3.59
HD2 P13 B . -1.81 -0.94 -2.53
HH11 P13 B . -3.07 -0.66 -4.95
HH12 P13 B . -1.61 -0.09 -5.75
HI11 P13 B . -1.53 -2.13 -7.11
HI12 P13 B . -3.08 -1.33 -7.33
HJ1 P13 B . -3.34 -3.70 -6.98
HI21 P13 B . -2.85 -4.73 -4.86
HI22 P13 B . -1.39 -4.14 -5.66
HH21 P13 B . -1.40 -3.48 -3.28
HH22 P13 B . -2.94 -2.67 -3.50
HN1 P13 B . 6.44 3.90 6.15
H2 P13 B . 4.54 5.28 7.27
H31 P13 B . 2.18 4.30 6.43
H4 P13 B . 1.56 2.08 4.63
H61 P13 B . 5.07 0.09 3.07
H7 P13 B . 6.53 1.68 4.34
HN3 P13 B . -3.08 -1.74 -1.08
HB12 P13 B . -0.05 -2.04 -0.76
HE P13 B . -0.42 -1.98 -4.89
HJ2 P13 B . -4.05 -2.84 -5.73
C1 P13 B . 0.73 -0.54 3.55
C2 P13 B . 1.74 0.16 2.85
C3 P13 B . 1.78 0.09 1.43
C4 P13 B . 0.82 -0.67 0.72
C5 P13 B . -0.20 -1.36 1.44
C6 P13 B . -0.24 -1.30 2.85
N P13 B . -4.54 0.02 -0.48
CB P13 B . -4.78 -1.39 -0.10
CA P13 B . -3.46 -2.15 -0.11
C P13 B . -2.45 -1.45 0.79
O P13 B . -1.19 -2.12 0.73
CA1 P13 B . 0.87 -0.73 -0.82
NB P13 B . 0.40 -2.05 -1.29
CG P13 B . 0.65 -2.17 -2.75
CD P13 B . -0.37 -1.32 -3.52
NE P13 B . -1.19 -2.15 -4.45
CH1 P13 B . -1.96 -3.18 -3.70
CI1 P13 B . -2.82 -3.99 -4.67
NJ P13 B . -1.94 -4.64 -5.69
CI2 P13 B . -1.17 -3.61 -6.45
CH2 P13 B . -0.30 -2.80 -5.47
N1 P13 B . 5.35 3.31 5.79
C21 P13 B . 4.39 4.02 6.53
C31 P13 B . 3.07 3.63 6.19
C41 P13 B . 2.26 1.89 4.50
C51 P13 B . 2.68 0.92 3.54
C61 P13 B . 4.07 0.72 3.31
C71 P13 B . 5.03 1.49 4.03
C81 P13 B . 4.59 2.45 4.99
C91 P13 B . 3.22 2.65 5.22
H1 P13 B . 0.70 -0.49 4.63
H3 P13 B . 2.54 0.62 0.88
H6 P13 B . -1.01 -1.83 3.39
HN1A P13 B . -5.43 0.45 -0.80
HN2 P13 B . -4.19 0.55 0.33
HB1 P13 B . -5.47 -1.84 -0.80
HB2 P13 B . -5.20 -1.42 0.89
HA1 P13 B . -3.62 -3.16 0.24
HA2 P13 B . -3.07 -2.18 -1.12
HC1 P13 B . -2.82 -1.47 1.82
HC2 P13 B . -2.33 -0.42 0.48
HA11 P13 B . 1.89 -0.57 -1.14
HA12 P13 B . 0.25 0.04 -1.23
HB11 P13 B . -0.60 -2.14 -1.11
HG1 P13 B . 0.56 -3.21 -3.04
HG2 P13 B . 1.65 -1.82 -2.97
HD1 P13 B . 0.15 -0.56 -4.08
HD2 P13 B . -1.04 -0.84 -2.81
HH11 P13 B . -1.28 -3.84 -3.18
HH12 P13 B . -2.61 -2.69 -2.98
HI11 P13 B . -3.52 -3.34 -5.18
HI12 P13 B . -3.36 -4.75 -4.13
HJ1 P13 B . -2.52 -5.19 -6.34
HI21 P13 B . -0.53 -4.10 -7.17
HI22 P13 B . -1.86 -2.95 -6.95
HH21 P13 B . 0.23 -2.04 -6.02
HH22 P13 B . 0.40 -3.45 -4.97
HN1 P13 B . 6.33 3.38 5.84
H2 P13 B . 4.64 4.78 7.27
H31 P13 B . 2.15 4.01 6.58
H4 P13 B . 1.21 2.03 4.68
H61 P13 B . 4.40 -0.02 2.59
H7 P13 B . 6.09 1.34 3.85
HN3 P13 B . -3.86 0.06 -1.24
HB12 P13 B . 0.91 -2.79 -0.80
HE P13 B . -1.85 -1.54 -4.94
HJ2 P13 B . -1.27 -5.28 -5.21
#